data_4LIJ
#
_entry.id   4LIJ
#
_cell.length_a   86.810
_cell.length_b   86.810
_cell.length_c   84.170
_cell.angle_alpha   90.000
_cell.angle_beta   90.000
_cell.angle_gamma   90.000
#
_symmetry.space_group_name_H-M   'P 43 21 2'
#
loop_
_entity.id
_entity.type
_entity.pdbx_description
1 polymer 'Far upstream element-binding protein 1'
2 non-polymer 'PHOSPHATE ION'
3 water water
#
_entity_poly.entity_id   1
_entity_poly.type   'polypeptide(L)'
_entity_poly.pdbx_seq_one_letter_code
;GGTQLPP(MSE)HQQQRSV(MSE)TEEYKVPDG(MSE)VGFIIGRGGEQISRIQQESGCKIQIAPDSGGLPERSC(MSE)
LTGTPESVQSAKRLLDQIVEKGRPAP
;
_entity_poly.pdbx_strand_id   A,B,C
#
# COMPACT_ATOMS: atom_id res chain seq x y z
N ARG A 13 5.14 -28.13 4.35
CA ARG A 13 4.15 -28.01 3.24
C ARG A 13 2.93 -27.11 3.54
N SER A 14 2.70 -26.67 4.80
CA SER A 14 1.64 -25.69 5.09
CA SER A 14 1.65 -25.68 5.10
C SER A 14 1.99 -24.34 4.45
N VAL A 15 0.99 -23.53 4.21
CA VAL A 15 1.18 -22.17 3.71
C VAL A 15 1.98 -21.37 4.76
N THR A 17 4.29 -17.33 5.33
CA THR A 17 4.48 -15.98 4.85
C THR A 17 5.95 -15.60 5.00
N GLU A 18 6.52 -15.05 3.92
CA GLU A 18 7.90 -14.57 3.88
C GLU A 18 7.97 -13.12 3.44
N GLU A 19 8.87 -12.35 4.05
CA GLU A 19 9.25 -11.03 3.53
C GLU A 19 10.16 -11.22 2.35
N TYR A 20 10.10 -10.29 1.40
CA TYR A 20 10.97 -10.29 0.26
C TYR A 20 11.15 -8.84 -0.22
N LYS A 21 12.16 -8.59 -1.04
CA LYS A 21 12.49 -7.23 -1.49
C LYS A 21 12.60 -7.17 -2.99
N VAL A 22 12.09 -6.08 -3.56
CA VAL A 22 12.28 -5.78 -4.98
C VAL A 22 12.78 -4.36 -5.16
N PRO A 23 13.49 -4.07 -6.27
CA PRO A 23 13.95 -2.70 -6.44
C PRO A 23 12.80 -1.73 -6.51
N ASP A 24 12.95 -0.62 -5.81
CA ASP A 24 11.91 0.39 -5.78
C ASP A 24 11.53 0.85 -7.20
N GLY A 25 12.54 0.99 -8.06
CA GLY A 25 12.31 1.48 -9.44
C GLY A 25 11.64 0.46 -10.37
N VAL A 27 8.94 -1.49 -9.19
CA VAL A 27 7.61 -1.81 -8.64
C VAL A 27 6.48 -1.64 -9.66
N GLY A 28 6.48 -0.50 -10.35
CA GLY A 28 5.48 -0.25 -11.39
C GLY A 28 5.47 -1.33 -12.47
N PHE A 29 6.66 -1.74 -12.92
CA PHE A 29 6.80 -2.80 -13.94
C PHE A 29 6.34 -4.16 -13.45
N ILE A 30 6.64 -4.44 -12.18
CA ILE A 30 6.22 -5.69 -11.58
C ILE A 30 4.72 -5.80 -11.47
N ILE A 31 4.07 -4.72 -11.05
CA ILE A 31 2.63 -4.70 -10.97
C ILE A 31 2.05 -4.73 -12.37
N GLY A 32 2.56 -3.83 -13.21
CA GLY A 32 2.20 -3.73 -14.63
C GLY A 32 0.96 -2.92 -14.85
N ARG A 33 0.74 -2.58 -16.12
CA ARG A 33 -0.48 -1.89 -16.49
C ARG A 33 -1.71 -2.75 -16.15
N GLY A 34 -2.65 -2.12 -15.45
CA GLY A 34 -3.83 -2.79 -14.96
C GLY A 34 -3.59 -3.90 -13.95
N GLY A 35 -2.39 -3.95 -13.36
CA GLY A 35 -2.02 -5.03 -12.44
C GLY A 35 -1.88 -6.39 -13.12
N GLU A 36 -1.81 -6.42 -14.45
CA GLU A 36 -1.84 -7.69 -15.18
CA GLU A 36 -1.83 -7.70 -15.17
C GLU A 36 -0.57 -8.54 -14.93
N GLN A 37 0.58 -7.89 -14.78
CA GLN A 37 1.82 -8.63 -14.52
C GLN A 37 1.82 -9.30 -13.14
N ILE A 38 1.45 -8.58 -12.09
CA ILE A 38 1.42 -9.19 -10.75
C ILE A 38 0.34 -10.27 -10.66
N SER A 39 -0.79 -10.08 -11.34
CA SER A 39 -1.80 -11.13 -11.41
C SER A 39 -1.20 -12.41 -12.04
N ARG A 40 -0.45 -12.25 -13.13
CA ARG A 40 0.24 -13.41 -13.79
C ARG A 40 1.24 -14.12 -12.87
N ILE A 41 2.07 -13.34 -12.19
CA ILE A 41 3.07 -13.94 -11.30
C ILE A 41 2.42 -14.72 -10.15
N GLN A 42 1.37 -14.16 -9.58
CA GLN A 42 0.65 -14.82 -8.50
C GLN A 42 0.03 -16.13 -8.97
N GLN A 43 -0.58 -16.09 -10.15
CA GLN A 43 -1.20 -17.27 -10.74
C GLN A 43 -0.15 -18.36 -11.07
N GLU A 44 0.94 -17.96 -11.69
CA GLU A 44 1.96 -18.91 -12.09
C GLU A 44 2.66 -19.54 -10.88
N SER A 45 2.80 -18.81 -9.78
CA SER A 45 3.52 -19.33 -8.62
C SER A 45 2.63 -20.00 -7.59
N GLY A 46 1.35 -19.65 -7.55
CA GLY A 46 0.50 -20.08 -6.44
C GLY A 46 0.75 -19.32 -5.15
N CYS A 47 1.22 -18.08 -5.27
CA CYS A 47 1.59 -17.26 -4.14
C CYS A 47 0.78 -15.93 -4.13
N LYS A 48 0.31 -15.49 -2.97
CA LYS A 48 -0.18 -14.10 -2.81
C LYS A 48 1.04 -13.19 -2.63
N ILE A 49 1.10 -12.11 -3.40
CA ILE A 49 2.24 -11.18 -3.37
C ILE A 49 1.69 -9.79 -3.06
N GLN A 50 2.02 -9.28 -1.87
CA GLN A 50 1.61 -7.97 -1.44
C GLN A 50 2.83 -7.06 -1.39
N ILE A 51 2.71 -5.88 -1.98
CA ILE A 51 3.85 -4.95 -2.09
C ILE A 51 3.56 -3.68 -1.30
N ALA A 52 4.52 -3.24 -0.50
CA ALA A 52 4.36 -2.02 0.29
C ALA A 52 4.25 -0.83 -0.65
N PRO A 53 3.57 0.24 -0.22
CA PRO A 53 3.29 1.37 -1.13
C PRO A 53 4.40 2.41 -1.31
N ASP A 54 5.49 2.32 -0.54
CA ASP A 54 6.46 3.43 -0.47
C ASP A 54 7.74 2.88 0.15
N SER A 55 8.88 3.22 -0.44
CA SER A 55 10.21 2.85 0.09
C SER A 55 10.86 3.95 0.93
N GLY A 56 10.27 5.14 0.95
CA GLY A 56 10.79 6.24 1.74
C GLY A 56 12.24 6.60 1.41
N GLY A 57 12.57 6.53 0.11
CA GLY A 57 13.92 6.85 -0.36
C GLY A 57 14.91 5.69 -0.36
N LEU A 58 14.53 4.53 0.20
CA LEU A 58 15.45 3.38 0.21
C LEU A 58 15.41 2.67 -1.13
N PRO A 59 16.47 1.93 -1.47
CA PRO A 59 16.53 1.35 -2.81
C PRO A 59 15.60 0.15 -3.05
N GLU A 60 15.17 -0.51 -1.98
CA GLU A 60 14.29 -1.68 -2.10
C GLU A 60 12.91 -1.39 -1.53
N ARG A 61 11.92 -2.10 -2.06
CA ARG A 61 10.54 -2.05 -1.60
C ARG A 61 10.20 -3.42 -1.01
N SER A 62 9.65 -3.42 0.19
CA SER A 62 9.26 -4.68 0.85
C SER A 62 8.00 -5.30 0.26
N CYS A 63 8.03 -6.63 0.16
CA CYS A 63 6.91 -7.44 -0.30
C CYS A 63 6.66 -8.54 0.73
N LEU A 65 5.12 -12.38 0.79
CA LEU A 65 4.72 -13.53 -0.02
CA LEU A 65 4.72 -13.53 -0.04
C LEU A 65 4.08 -14.59 0.84
N THR A 66 2.89 -15.05 0.43
CA THR A 66 2.16 -16.06 1.19
C THR A 66 1.77 -17.23 0.31
N GLY A 67 2.24 -18.41 0.70
CA GLY A 67 1.99 -19.63 -0.05
C GLY A 67 2.73 -20.78 0.61
N THR A 68 2.60 -21.97 0.02
CA THR A 68 3.49 -23.08 0.40
C THR A 68 4.95 -22.71 0.09
N PRO A 69 5.93 -23.39 0.74
CA PRO A 69 7.34 -23.08 0.49
C PRO A 69 7.72 -23.13 -0.95
N GLU A 70 7.17 -24.13 -1.64
CA GLU A 70 7.44 -24.33 -3.04
CA GLU A 70 7.45 -24.29 -3.07
C GLU A 70 6.91 -23.12 -3.85
N SER A 71 5.71 -22.66 -3.51
CA SER A 71 5.10 -21.51 -4.20
C SER A 71 5.88 -20.23 -3.93
N VAL A 72 6.29 -20.04 -2.69
CA VAL A 72 7.07 -18.86 -2.31
C VAL A 72 8.39 -18.81 -3.09
N GLN A 73 9.07 -19.94 -3.19
CA GLN A 73 10.32 -20.00 -3.96
CA GLN A 73 10.31 -20.00 -3.96
C GLN A 73 10.05 -19.70 -5.43
N SER A 74 8.96 -20.25 -5.96
CA SER A 74 8.59 -19.99 -7.34
CA SER A 74 8.59 -20.02 -7.35
C SER A 74 8.34 -18.51 -7.59
N ALA A 75 7.64 -17.86 -6.65
CA ALA A 75 7.34 -16.43 -6.78
C ALA A 75 8.62 -15.60 -6.81
N LYS A 76 9.58 -15.93 -5.92
CA LYS A 76 10.88 -15.26 -5.94
C LYS A 76 11.57 -15.38 -7.31
N ARG A 77 11.57 -16.57 -7.89
CA ARG A 77 12.18 -16.79 -9.21
CA ARG A 77 12.18 -16.79 -9.21
C ARG A 77 11.48 -15.97 -10.30
N LEU A 78 10.16 -15.95 -10.27
CA LEU A 78 9.40 -15.16 -11.26
C LEU A 78 9.54 -13.64 -11.13
N LEU A 79 9.57 -13.16 -9.90
CA LEU A 79 9.86 -11.75 -9.64
C LEU A 79 11.25 -11.38 -10.16
N ASP A 80 12.24 -12.24 -9.87
CA ASP A 80 13.61 -12.03 -10.38
C ASP A 80 13.64 -11.96 -11.93
N GLN A 81 12.89 -12.85 -12.57
CA GLN A 81 12.79 -12.87 -14.04
CA GLN A 81 12.77 -12.88 -14.03
C GLN A 81 12.23 -11.55 -14.61
N ILE A 82 11.24 -10.98 -13.95
CA ILE A 82 10.69 -9.68 -14.35
C ILE A 82 11.72 -8.57 -14.15
N VAL A 83 12.39 -8.56 -13.00
CA VAL A 83 13.43 -7.56 -12.72
C VAL A 83 14.56 -7.66 -13.73
N GLU A 84 14.91 -8.87 -14.13
CA GLU A 84 16.00 -9.09 -15.09
C GLU A 84 15.65 -8.65 -16.52
N LYS A 85 14.39 -8.34 -16.79
CA LYS A 85 14.02 -7.72 -18.07
C LYS A 85 14.16 -6.19 -18.00
N GLY A 86 14.31 -5.64 -16.79
CA GLY A 86 14.58 -4.23 -16.59
C GLY A 86 13.49 -3.34 -17.17
N ARG A 87 13.91 -2.16 -17.65
CA ARG A 87 12.97 -1.16 -18.19
C ARG A 87 13.35 -0.75 -19.60
N GLN B 12 -7.08 22.82 12.16
CA GLN B 12 -7.95 21.76 12.75
C GLN B 12 -7.19 20.46 12.87
N ARG B 13 -7.46 19.69 13.91
CA ARG B 13 -6.72 18.46 14.17
C ARG B 13 -7.33 17.25 13.43
N SER B 14 -8.66 17.19 13.35
CA SER B 14 -9.33 15.99 12.88
CA SER B 14 -9.33 15.98 12.84
C SER B 14 -9.17 15.76 11.36
N VAL B 15 -9.31 14.51 10.96
CA VAL B 15 -9.36 14.16 9.55
C VAL B 15 -10.64 14.78 8.93
N THR B 17 -12.63 15.70 4.82
CA THR B 17 -12.67 15.35 3.40
C THR B 17 -12.97 16.58 2.58
N GLU B 18 -12.24 16.74 1.49
CA GLU B 18 -12.66 17.74 0.53
C GLU B 18 -12.48 17.33 -0.91
N GLU B 19 -13.18 18.07 -1.76
CA GLU B 19 -13.05 17.96 -3.21
C GLU B 19 -11.81 18.69 -3.70
N TYR B 20 -11.22 18.19 -4.76
CA TYR B 20 -10.07 18.82 -5.39
C TYR B 20 -10.09 18.47 -6.87
N LYS B 21 -9.31 19.18 -7.69
CA LYS B 21 -9.31 18.99 -9.15
CA LYS B 21 -9.31 18.99 -9.15
C LYS B 21 -7.88 18.80 -9.66
N VAL B 22 -7.73 17.90 -10.63
CA VAL B 22 -6.48 17.76 -11.39
C VAL B 22 -6.78 17.76 -12.89
N PRO B 23 -5.81 18.19 -13.72
CA PRO B 23 -6.09 18.18 -15.15
C PRO B 23 -6.41 16.79 -15.65
N ASP B 24 -7.44 16.70 -16.50
CA ASP B 24 -7.89 15.40 -16.99
C ASP B 24 -6.73 14.69 -17.67
N GLY B 25 -5.93 15.44 -18.42
CA GLY B 25 -4.82 14.85 -19.20
C GLY B 25 -3.62 14.41 -18.37
N VAL B 27 -4.21 12.69 -15.34
CA VAL B 27 -4.69 11.61 -14.46
C VAL B 27 -3.86 10.33 -14.57
N GLY B 28 -3.62 9.87 -15.80
CA GLY B 28 -2.80 8.66 -16.02
C GLY B 28 -1.40 8.76 -15.43
N PHE B 29 -0.76 9.92 -15.61
CA PHE B 29 0.57 10.20 -15.08
C PHE B 29 0.59 10.23 -13.57
N ILE B 30 -0.46 10.82 -12.98
CA ILE B 30 -0.57 10.89 -11.54
C ILE B 30 -0.70 9.50 -10.94
N ILE B 31 -1.54 8.66 -11.52
CA ILE B 31 -1.77 7.31 -11.00
C ILE B 31 -0.51 6.47 -11.14
N GLY B 32 0.07 6.51 -12.34
CA GLY B 32 1.32 5.81 -12.64
C GLY B 32 1.10 4.35 -13.00
N ARG B 33 2.12 3.72 -13.54
CA ARG B 33 2.00 2.30 -13.93
C ARG B 33 1.73 1.46 -12.69
N GLY B 34 0.69 0.63 -12.80
CA GLY B 34 0.23 -0.17 -11.70
C GLY B 34 -0.28 0.58 -10.49
N GLY B 35 -0.59 1.86 -10.65
CA GLY B 35 -1.01 2.69 -9.55
C GLY B 35 0.11 2.99 -8.56
N GLU B 36 1.35 2.75 -8.95
CA GLU B 36 2.47 2.87 -8.00
C GLU B 36 2.69 4.32 -7.52
N GLN B 37 2.49 5.29 -8.41
CA GLN B 37 2.69 6.69 -8.01
C GLN B 37 1.61 7.17 -7.02
N ILE B 38 0.34 6.95 -7.34
CA ILE B 38 -0.70 7.40 -6.42
C ILE B 38 -0.61 6.66 -5.07
N SER B 39 -0.25 5.38 -5.06
CA SER B 39 -0.03 4.66 -3.81
C SER B 39 1.07 5.32 -2.96
N ARG B 40 2.17 5.67 -3.60
CA ARG B 40 3.28 6.33 -2.91
C ARG B 40 2.95 7.72 -2.38
N ILE B 41 2.28 8.56 -3.18
CA ILE B 41 2.00 9.93 -2.72
C ILE B 41 0.94 9.94 -1.62
N GLN B 42 0.02 8.99 -1.62
CA GLN B 42 -0.91 8.83 -0.50
C GLN B 42 -0.14 8.50 0.78
N GLN B 43 0.82 7.58 0.68
CA GLN B 43 1.62 7.20 1.84
C GLN B 43 2.47 8.38 2.33
N GLU B 44 3.11 9.10 1.40
CA GLU B 44 3.95 10.24 1.79
C GLU B 44 3.16 11.36 2.45
N SER B 45 1.95 11.64 1.96
CA SER B 45 1.14 12.75 2.46
C SER B 45 0.28 12.39 3.68
N GLY B 46 -0.10 11.12 3.82
CA GLY B 46 -1.11 10.73 4.79
C GLY B 46 -2.52 11.02 4.36
N CYS B 47 -2.71 11.24 3.06
CA CYS B 47 -4.00 11.62 2.50
C CYS B 47 -4.49 10.55 1.57
N LYS B 48 -5.74 10.15 1.77
CA LYS B 48 -6.39 9.27 0.81
C LYS B 48 -6.80 10.14 -0.37
N ILE B 49 -6.44 9.70 -1.59
CA ILE B 49 -6.70 10.47 -2.80
C ILE B 49 -7.51 9.58 -3.74
N GLN B 50 -8.79 9.88 -3.86
CA GLN B 50 -9.67 9.10 -4.71
C GLN B 50 -10.00 9.95 -5.94
N ILE B 51 -9.81 9.38 -7.11
CA ILE B 51 -9.94 10.13 -8.35
C ILE B 51 -11.12 9.58 -9.11
N ALA B 52 -11.99 10.48 -9.57
CA ALA B 52 -13.16 10.09 -10.32
C ALA B 52 -12.72 9.45 -11.65
N PRO B 53 -13.55 8.55 -12.20
CA PRO B 53 -13.14 7.78 -13.39
C PRO B 53 -13.31 8.46 -14.75
N ASP B 54 -13.91 9.65 -14.78
CA ASP B 54 -14.35 10.26 -16.05
C ASP B 54 -14.66 11.73 -15.79
N SER B 55 -14.17 12.60 -16.68
CA SER B 55 -14.43 14.06 -16.62
C SER B 55 -15.65 14.48 -17.43
N GLY B 56 -16.20 13.56 -18.23
CA GLY B 56 -17.36 13.88 -19.06
C GLY B 56 -17.09 15.03 -20.01
N GLY B 57 -15.87 15.10 -20.55
CA GLY B 57 -15.48 16.14 -21.51
C GLY B 57 -14.89 17.41 -20.89
N LEU B 58 -14.98 17.56 -19.57
CA LEU B 58 -14.45 18.77 -18.92
C LEU B 58 -12.92 18.68 -18.77
N PRO B 59 -12.26 19.85 -18.67
CA PRO B 59 -10.79 19.83 -18.62
C PRO B 59 -10.19 19.30 -17.31
N GLU B 60 -10.95 19.35 -16.22
CA GLU B 60 -10.47 18.89 -14.92
C GLU B 60 -11.19 17.63 -14.49
N ARG B 61 -10.49 16.81 -13.71
CA ARG B 61 -11.05 15.60 -13.11
C ARG B 61 -11.19 15.83 -11.61
N SER B 62 -12.35 15.48 -11.06
CA SER B 62 -12.58 15.60 -9.62
C SER B 62 -11.88 14.51 -8.82
N CYS B 63 -11.33 14.92 -7.69
CA CYS B 63 -10.69 14.05 -6.71
C CYS B 63 -11.34 14.31 -5.35
N LEU B 65 -10.14 14.16 -1.37
CA LEU B 65 -8.98 14.06 -0.51
C LEU B 65 -9.47 13.91 0.92
N THR B 66 -8.98 12.91 1.62
CA THR B 66 -9.33 12.72 3.03
C THR B 66 -8.07 12.64 3.88
N GLY B 67 -7.98 13.51 4.88
CA GLY B 67 -6.86 13.51 5.79
C GLY B 67 -6.96 14.68 6.73
N THR B 68 -6.01 14.78 7.64
CA THR B 68 -5.87 16.01 8.44
C THR B 68 -5.57 17.18 7.48
N PRO B 69 -5.80 18.41 7.94
CA PRO B 69 -5.51 19.56 7.08
C PRO B 69 -4.07 19.56 6.58
N GLU B 70 -3.14 19.17 7.45
CA GLU B 70 -1.73 19.11 7.12
CA GLU B 70 -1.72 19.08 7.10
C GLU B 70 -1.49 18.05 6.00
N SER B 71 -2.16 16.89 6.11
CA SER B 71 -2.04 15.84 5.09
C SER B 71 -2.65 16.26 3.75
N VAL B 72 -3.81 16.90 3.82
CA VAL B 72 -4.48 17.39 2.62
C VAL B 72 -3.61 18.41 1.89
N GLN B 73 -3.00 19.33 2.63
CA GLN B 73 -2.11 20.31 2.00
C GLN B 73 -0.90 19.63 1.38
N SER B 74 -0.34 18.65 2.08
CA SER B 74 0.80 17.92 1.54
CA SER B 74 0.82 17.93 1.54
C SER B 74 0.45 17.24 0.23
N ALA B 75 -0.73 16.62 0.19
CA ALA B 75 -1.17 15.94 -1.00
C ALA B 75 -1.30 16.90 -2.18
N LYS B 76 -1.90 18.08 -1.94
CA LYS B 76 -2.00 19.10 -2.97
C LYS B 76 -0.62 19.49 -3.51
N ARG B 77 0.36 19.67 -2.62
CA ARG B 77 1.72 20.03 -3.04
CA ARG B 77 1.73 20.02 -3.05
C ARG B 77 2.35 18.93 -3.90
N LEU B 78 2.18 17.68 -3.49
CA LEU B 78 2.73 16.55 -4.25
C LEU B 78 2.06 16.37 -5.61
N LEU B 79 0.74 16.53 -5.66
CA LEU B 79 0.02 16.49 -6.91
C LEU B 79 0.47 17.61 -7.86
N ASP B 80 0.62 18.82 -7.32
CA ASP B 80 1.10 19.96 -8.12
C ASP B 80 2.47 19.69 -8.71
N GLN B 81 3.35 19.12 -7.90
CA GLN B 81 4.71 18.80 -8.33
CA GLN B 81 4.71 18.85 -8.35
C GLN B 81 4.70 17.82 -9.51
N ILE B 82 3.80 16.83 -9.47
CA ILE B 82 3.65 15.88 -10.57
C ILE B 82 3.12 16.60 -11.82
N VAL B 83 2.09 17.43 -11.64
CA VAL B 83 1.51 18.17 -12.76
C VAL B 83 2.55 19.11 -13.40
N GLU B 84 3.39 19.70 -12.57
CA GLU B 84 4.42 20.64 -13.05
C GLU B 84 5.58 19.96 -13.79
N LYS B 85 5.65 18.64 -13.75
CA LYS B 85 6.56 17.90 -14.62
C LYS B 85 5.94 17.66 -15.99
N GLY B 86 4.61 17.79 -16.10
CA GLY B 86 3.90 17.61 -17.36
C GLY B 86 4.11 16.19 -17.93
N ARG B 87 4.14 16.07 -19.25
CA ARG B 87 4.55 14.82 -19.90
C ARG B 87 5.96 14.95 -20.47
N GLN C 11 13.40 7.09 15.95
CA GLN C 11 12.29 7.62 15.09
C GLN C 11 12.78 8.62 14.04
N GLN C 12 13.42 8.10 13.01
CA GLN C 12 13.83 8.92 11.86
C GLN C 12 12.58 9.49 11.16
N ARG C 13 12.79 10.33 10.16
CA ARG C 13 11.67 11.02 9.52
C ARG C 13 11.03 10.19 8.41
N SER C 14 11.82 9.44 7.66
CA SER C 14 11.35 8.81 6.42
CA SER C 14 11.34 8.80 6.42
C SER C 14 10.37 7.67 6.68
N VAL C 15 9.51 7.41 5.70
CA VAL C 15 8.63 6.25 5.73
C VAL C 15 9.47 4.97 5.70
N THR C 17 9.14 0.33 6.36
CA THR C 17 8.25 -0.82 6.40
C THR C 17 8.73 -1.80 7.48
N GLU C 18 7.77 -2.26 8.29
CA GLU C 18 8.02 -3.24 9.34
C GLU C 18 7.06 -4.43 9.19
N GLU C 19 7.57 -5.64 9.44
CA GLU C 19 6.71 -6.81 9.70
C GLU C 19 6.09 -6.66 11.07
N TYR C 20 4.87 -7.15 11.22
CA TYR C 20 4.17 -7.11 12.47
C TYR C 20 3.23 -8.31 12.50
N LYS C 21 2.69 -8.63 13.66
CA LYS C 21 1.83 -9.81 13.83
C LYS C 21 0.57 -9.43 14.58
N VAL C 22 -0.56 -10.00 14.17
CA VAL C 22 -1.80 -9.91 14.92
C VAL C 22 -2.39 -11.31 15.11
N PRO C 23 -3.20 -11.50 16.14
CA PRO C 23 -3.75 -12.85 16.30
C PRO C 23 -4.61 -13.25 15.11
N ASP C 24 -4.45 -14.49 14.66
CA ASP C 24 -5.19 -14.97 13.52
C ASP C 24 -6.70 -14.81 13.73
N GLY C 25 -7.15 -15.08 14.96
CA GLY C 25 -8.58 -15.05 15.27
C GLY C 25 -9.17 -13.65 15.38
N VAL C 27 -8.24 -11.20 13.02
CA VAL C 27 -8.11 -10.55 11.70
C VAL C 27 -9.46 -10.00 11.17
N GLY C 28 -10.51 -10.81 11.22
CA GLY C 28 -11.83 -10.37 10.77
C GLY C 28 -12.33 -9.14 11.52
N PHE C 29 -12.16 -9.15 12.84
CA PHE C 29 -12.57 -8.02 13.69
C PHE C 29 -11.78 -6.76 13.39
N ILE C 30 -10.49 -6.92 13.14
CA ILE C 30 -9.64 -5.82 12.78
C ILE C 30 -10.09 -5.17 11.46
N ILE C 31 -10.37 -6.00 10.47
CA ILE C 31 -10.73 -5.50 9.15
C ILE C 31 -12.08 -4.79 9.24
N GLY C 32 -13.02 -5.45 9.90
CA GLY C 32 -14.36 -4.92 10.12
C GLY C 32 -15.28 -5.12 8.93
N ARG C 33 -16.56 -4.84 9.16
CA ARG C 33 -17.56 -4.98 8.10
C ARG C 33 -17.26 -4.08 6.93
N GLY C 34 -17.21 -4.66 5.74
CA GLY C 34 -16.83 -3.95 4.53
C GLY C 34 -15.44 -3.34 4.54
N GLY C 35 -14.57 -3.81 5.43
CA GLY C 35 -13.23 -3.25 5.56
C GLY C 35 -13.20 -1.88 6.18
N GLU C 36 -14.31 -1.45 6.78
CA GLU C 36 -14.42 -0.08 7.25
C GLU C 36 -13.47 0.23 8.40
N GLN C 37 -13.24 -0.73 9.28
CA GLN C 37 -12.34 -0.48 10.41
C GLN C 37 -10.89 -0.33 9.97
N ILE C 38 -10.38 -1.26 9.15
CA ILE C 38 -8.99 -1.16 8.73
CA ILE C 38 -8.99 -1.15 8.73
C ILE C 38 -8.77 0.10 7.88
N SER C 39 -9.75 0.47 7.04
CA SER C 39 -9.65 1.71 6.27
CA SER C 39 -9.63 1.72 6.27
C SER C 39 -9.49 2.92 7.19
N ARG C 40 -10.30 2.96 8.24
CA ARG C 40 -10.27 4.06 9.18
C ARG C 40 -8.97 4.13 9.99
N ILE C 41 -8.48 3.01 10.49
CA ILE C 41 -7.30 3.04 11.34
C ILE C 41 -6.05 3.36 10.50
N GLN C 42 -6.02 2.95 9.25
CA GLN C 42 -4.95 3.37 8.34
C GLN C 42 -4.95 4.89 8.17
N GLN C 43 -6.14 5.45 7.96
CA GLN C 43 -6.27 6.89 7.79
C GLN C 43 -5.89 7.65 9.08
N GLU C 44 -6.34 7.15 10.22
CA GLU C 44 -6.00 7.77 11.52
C GLU C 44 -4.51 7.74 11.86
N SER C 45 -3.84 6.62 11.56
CA SER C 45 -2.44 6.41 11.92
C SER C 45 -1.47 6.99 10.89
N GLY C 46 -1.90 7.07 9.62
CA GLY C 46 -0.98 7.36 8.51
C GLY C 46 -0.14 6.16 8.09
N CYS C 47 -0.57 4.96 8.48
CA CYS C 47 0.16 3.74 8.22
C CYS C 47 -0.62 2.84 7.31
N LYS C 48 0.03 2.36 6.27
CA LYS C 48 -0.55 1.32 5.43
C LYS C 48 -0.43 0.01 6.19
N ILE C 49 -1.51 -0.74 6.33
CA ILE C 49 -1.52 -1.99 7.10
C ILE C 49 -1.99 -3.11 6.17
N GLN C 50 -1.06 -3.95 5.75
CA GLN C 50 -1.35 -5.01 4.80
C GLN C 50 -1.29 -6.31 5.57
N ILE C 51 -2.32 -7.12 5.43
CA ILE C 51 -2.47 -8.30 6.23
C ILE C 51 -2.42 -9.49 5.30
N ALA C 52 -1.61 -10.47 5.64
CA ALA C 52 -1.52 -11.69 4.84
C ALA C 52 -2.87 -12.44 4.90
N PRO C 53 -3.18 -13.23 3.88
CA PRO C 53 -4.51 -13.87 3.79
C PRO C 53 -4.70 -15.16 4.57
N ASP C 54 -3.64 -15.71 5.17
CA ASP C 54 -3.69 -17.05 5.73
C ASP C 54 -2.51 -17.20 6.68
N SER C 55 -2.77 -17.77 7.86
CA SER C 55 -1.70 -18.07 8.83
C SER C 55 -1.16 -19.50 8.73
N GLY C 56 -1.79 -20.34 7.92
CA GLY C 56 -1.34 -21.72 7.74
C GLY C 56 -1.30 -22.52 9.02
N GLY C 57 -2.30 -22.31 9.87
CA GLY C 57 -2.40 -23.01 11.16
C GLY C 57 -1.68 -22.36 12.32
N LEU C 58 -0.86 -21.35 12.06
CA LEU C 58 -0.14 -20.66 13.15
C LEU C 58 -1.06 -19.69 13.88
N PRO C 59 -0.74 -19.38 15.15
CA PRO C 59 -1.63 -18.49 15.91
C PRO C 59 -1.62 -17.02 15.51
N GLU C 60 -0.55 -16.57 14.86
CA GLU C 60 -0.46 -15.18 14.42
C GLU C 60 -0.51 -15.05 12.92
N ARG C 61 -1.01 -13.90 12.46
CA ARG C 61 -1.10 -13.57 11.05
C ARG C 61 -0.09 -12.44 10.80
N SER C 62 0.72 -12.59 9.77
CA SER C 62 1.72 -11.57 9.41
C SER C 62 1.09 -10.38 8.73
N CYS C 63 1.59 -9.22 9.12
CA CYS C 63 1.16 -7.92 8.59
C CYS C 63 2.41 -7.19 8.15
N LEU C 65 3.51 -3.20 7.90
CA LEU C 65 3.16 -1.83 8.24
C LEU C 65 4.13 -0.89 7.55
N THR C 66 3.59 0.08 6.83
CA THR C 66 4.42 1.07 6.13
C THR C 66 4.02 2.48 6.54
N GLY C 67 4.97 3.23 7.03
CA GLY C 67 4.75 4.62 7.43
C GLY C 67 5.96 5.19 8.12
N THR C 68 5.90 6.46 8.48
CA THR C 68 6.91 7.04 9.37
C THR C 68 6.92 6.27 10.67
N PRO C 69 8.02 6.34 11.42
CA PRO C 69 8.06 5.66 12.72
C PRO C 69 6.89 6.03 13.63
N GLU C 70 6.53 7.31 13.62
CA GLU C 70 5.44 7.82 14.42
C GLU C 70 4.10 7.19 13.98
N SER C 71 3.91 7.06 12.66
CA SER C 71 2.70 6.41 12.13
C SER C 71 2.64 4.92 12.45
N VAL C 72 3.78 4.25 12.31
CA VAL C 72 3.87 2.82 12.59
C VAL C 72 3.53 2.56 14.07
N GLN C 73 4.06 3.39 14.97
CA GLN C 73 3.75 3.23 16.40
C GLN C 73 2.27 3.50 16.68
N SER C 74 1.71 4.51 16.01
CA SER C 74 0.29 4.81 16.16
C SER C 74 -0.55 3.62 15.72
N ALA C 75 -0.18 3.03 14.59
CA ALA C 75 -0.92 1.87 14.08
C ALA C 75 -0.87 0.70 15.08
N LYS C 76 0.31 0.40 15.61
CA LYS C 76 0.46 -0.66 16.63
C LYS C 76 -0.47 -0.39 17.83
N ARG C 77 -0.54 0.86 18.29
CA ARG C 77 -1.41 1.20 19.42
CA ARG C 77 -1.41 1.18 19.42
C ARG C 77 -2.88 0.97 19.09
N LEU C 78 -3.29 1.41 17.89
CA LEU C 78 -4.69 1.25 17.46
C LEU C 78 -5.06 -0.23 17.29
N LEU C 79 -4.15 -1.01 16.69
CA LEU C 79 -4.37 -2.44 16.55
C LEU C 79 -4.48 -3.13 17.91
N ASP C 80 -3.59 -2.80 18.84
CA ASP C 80 -3.63 -3.37 20.20
C ASP C 80 -4.95 -3.06 20.90
N GLN C 81 -5.44 -1.84 20.73
CA GLN C 81 -6.70 -1.41 21.32
CA GLN C 81 -6.70 -1.47 21.37
C GLN C 81 -7.88 -2.25 20.79
N ILE C 82 -7.85 -2.56 19.49
CA ILE C 82 -8.88 -3.41 18.89
C ILE C 82 -8.75 -4.84 19.46
N VAL C 83 -7.54 -5.38 19.50
CA VAL C 83 -7.31 -6.74 20.01
C VAL C 83 -7.74 -6.86 21.48
N GLU C 84 -7.52 -5.80 22.25
CA GLU C 84 -7.88 -5.78 23.66
C GLU C 84 -9.38 -5.65 23.93
N LYS C 85 -10.16 -5.38 22.89
CA LYS C 85 -11.62 -5.51 23.00
C LYS C 85 -12.08 -6.96 22.75
N GLY C 86 -11.21 -7.79 22.16
CA GLY C 86 -11.51 -9.20 21.92
C GLY C 86 -12.74 -9.39 21.05
N ARG C 87 -13.51 -10.44 21.34
CA ARG C 87 -14.65 -10.84 20.51
C ARG C 87 -15.92 -10.14 20.97
#